data_5O7W
#
_entry.id   5O7W
#
_cell.length_a   130.465
_cell.length_b   130.465
_cell.length_c   130.465
_cell.angle_alpha   90.00
_cell.angle_beta   90.00
_cell.angle_gamma   90.00
#
_symmetry.space_group_name_H-M   'F 2 3'
#
loop_
_entity.id
_entity.type
_entity.pdbx_description
1 polymer 'Putative fucose-binding lectin protein'
2 branched alpha-L-fucopyranose-(1-3)-2-acetamido-2-deoxy-beta-D-glucopyranose
3 branched alpha-L-fucopyranose-(1-3)-[beta-D-galactopyranose-(1-4)]2-acetamido-2-deoxy-beta-D-glucopyranose-(1-3)-alpha-D-galactopyranose
4 branched alpha-L-fucopyranose-(1-3)-[beta-D-galactopyranose-(1-4)]2-acetamido-2-deoxy-beta-D-glucopyranose-(1-3)-beta-D-galactopyranose
5 non-polymer 'CALCIUM ION'
6 non-polymer 1,2-ETHANEDIOL
7 water water
#
_entity_poly.entity_id   1
_entity_poly.type   'polypeptide(L)'
_entity_poly.pdbx_seq_one_letter_code
;SSVQTAATS(4FW)GTVPSIRVYTANNGKITERC(4FW)DGKG(4FW)YTGAFNEPGDNVSVTS(4FW)LVGSAIHIRVY
ASTGTTTTE(4FW)C(4FW)DGNG(4FW)TKGAYTATN
;
_entity_poly.pdbx_strand_id   A,B
#
loop_
_chem_comp.id
_chem_comp.type
_chem_comp.name
_chem_comp.formula
CA non-polymer 'CALCIUM ION' 'Ca 2'
EDO non-polymer 1,2-ETHANEDIOL 'C2 H6 O2'
FUC L-saccharide, alpha linking alpha-L-fucopyranose 'C6 H12 O5'
GAL D-saccharide, beta linking beta-D-galactopyranose 'C6 H12 O6'
GLA D-saccharide, alpha linking alpha-D-galactopyranose 'C6 H12 O6'
NAG D-saccharide, beta linking 2-acetamido-2-deoxy-beta-D-glucopyranose 'C8 H15 N O6'
#
# COMPACT_ATOMS: atom_id res chain seq x y z
N SER A 2 -9.83 27.18 -7.63
CA SER A 2 -10.51 25.96 -8.15
C SER A 2 -9.77 24.68 -7.72
N VAL A 3 -10.48 23.57 -7.71
CA VAL A 3 -9.83 22.25 -7.57
C VAL A 3 -8.84 22.04 -8.74
N GLN A 4 -7.91 21.11 -8.55
N GLN A 4 -7.92 21.10 -8.53
CA GLN A 4 -6.87 20.83 -9.53
CA GLN A 4 -6.85 20.80 -9.48
C GLN A 4 -6.88 19.33 -9.81
C GLN A 4 -6.89 19.32 -9.80
N THR A 5 -6.85 18.96 -11.09
CA THR A 5 -6.95 17.56 -11.49
C THR A 5 -5.79 17.07 -12.33
N ALA A 6 -5.69 15.75 -12.39
CA ALA A 6 -4.71 15.05 -13.25
C ALA A 6 -5.37 13.80 -13.74
N ALA A 7 -5.06 13.36 -14.96
CA ALA A 7 -5.76 12.21 -15.55
C ALA A 7 -4.79 11.30 -16.25
N THR A 8 -5.10 10.01 -16.25
CA THR A 8 -4.36 9.02 -17.05
C THR A 8 -5.37 7.99 -17.55
N SER A 9 -4.95 7.22 -18.54
CA SER A 9 -5.82 6.21 -19.13
C SER A 9 -4.99 5.12 -19.76
N 4FW A 10 -5.58 3.97 -19.98
CA 4FW A 10 -4.86 2.83 -20.61
CB 4FW A 10 -4.04 2.07 -19.57
CG 4FW A 10 -4.84 1.39 -18.48
CD2 4FW A 10 -5.22 1.91 -17.18
CE2 4FW A 10 -5.90 0.83 -16.48
CE3 4FW A 10 -5.05 3.16 -16.52
CD1 4FW A 10 -5.27 0.06 -18.51
NE1 4FW A 10 -5.91 -0.21 -17.32
CZ2 4FW A 10 -6.39 1.07 -15.20
CZ3 4FW A 10 -5.56 3.33 -15.24
F 4FW A 10 -4.40 4.14 -17.16
CH2 4FW A 10 -6.21 2.29 -14.60
C 4FW A 10 -5.81 1.89 -21.31
O 4FW A 10 -7.02 1.77 -20.97
N GLY A 11 -5.25 1.18 -22.28
CA GLY A 11 -5.99 0.22 -23.09
C GLY A 11 -7.00 0.87 -24.01
N THR A 12 -7.87 0.05 -24.56
CA THR A 12 -8.81 0.51 -25.60
C THR A 12 -10.23 0.55 -25.09
N VAL A 13 -10.49 0.14 -23.85
CA VAL A 13 -11.83 0.25 -23.30
C VAL A 13 -12.33 1.70 -23.29
N PRO A 14 -11.59 2.67 -22.76
CA PRO A 14 -10.38 2.55 -21.93
C PRO A 14 -10.72 2.46 -20.46
N SER A 15 -9.70 2.22 -19.63
CA SER A 15 -9.79 2.63 -18.21
C SER A 15 -9.25 4.05 -18.05
N ILE A 16 -9.91 4.86 -17.25
CA ILE A 16 -9.47 6.24 -16.95
C ILE A 16 -9.38 6.38 -15.44
N ARG A 17 -8.38 7.12 -14.96
CA ARG A 17 -8.32 7.54 -13.56
C ARG A 17 -8.13 9.05 -13.53
N VAL A 18 -8.95 9.74 -12.74
CA VAL A 18 -8.86 11.18 -12.58
C VAL A 18 -8.64 11.46 -11.10
N TYR A 19 -7.54 12.17 -10.78
CA TYR A 19 -7.18 12.52 -9.40
C TYR A 19 -7.50 13.98 -9.21
N THR A 20 -8.14 14.33 -8.09
CA THR A 20 -8.54 15.70 -7.81
C THR A 20 -8.01 16.15 -6.45
N ALA A 21 -7.27 17.26 -6.43
CA ALA A 21 -6.86 17.92 -5.17
C ALA A 21 -7.89 18.97 -4.83
N ASN A 22 -8.53 18.81 -3.67
CA ASN A 22 -9.65 19.70 -3.22
C ASN A 22 -9.46 19.92 -1.73
N ASN A 23 -9.21 21.17 -1.35
CA ASN A 23 -9.02 21.50 0.06
C ASN A 23 -7.99 20.61 0.76
N GLY A 24 -6.85 20.39 0.10
CA GLY A 24 -5.73 19.67 0.71
C GLY A 24 -5.82 18.16 0.70
N LYS A 25 -6.87 17.60 0.07
CA LYS A 25 -7.01 16.16 -0.06
C LYS A 25 -7.08 15.76 -1.54
N ILE A 26 -6.42 14.66 -1.88
CA ILE A 26 -6.53 14.11 -3.24
C ILE A 26 -7.36 12.86 -3.16
N THR A 27 -8.36 12.80 -4.02
CA THR A 27 -9.20 11.63 -4.23
C THR A 27 -9.15 11.20 -5.69
N GLU A 28 -9.70 10.03 -5.96
CA GLU A 28 -9.56 9.31 -7.23
C GLU A 28 -10.93 8.88 -7.73
N ARG A 29 -11.18 9.12 -9.02
CA ARG A 29 -12.38 8.67 -9.72
C ARG A 29 -11.97 7.75 -10.86
N CYS A 30 -12.70 6.67 -11.04
CA CYS A 30 -12.33 5.57 -11.91
C CYS A 30 -13.42 5.23 -12.89
N 4FW A 31 -13.04 5.04 -14.14
CA 4FW A 31 -13.89 4.47 -15.21
CB 4FW A 31 -14.03 5.47 -16.34
CG 4FW A 31 -14.70 4.96 -17.59
CD2 4FW A 31 -16.11 5.01 -17.92
CE2 4FW A 31 -16.27 4.52 -19.27
CE3 4FW A 31 -17.29 5.44 -17.21
CD1 4FW A 31 -14.12 4.48 -18.71
NE1 4FW A 31 -15.02 4.19 -19.67
CZ2 4FW A 31 -17.55 4.45 -19.85
CZ3 4FW A 31 -18.51 5.39 -17.85
F 4FW A 31 -17.13 5.84 -15.95
CH2 4FW A 31 -18.66 4.88 -19.12
C 4FW A 31 -13.21 3.24 -15.72
O 4FW A 31 -12.07 3.31 -16.16
N ASP A 32 -13.92 2.10 -15.74
CA ASP A 32 -13.48 0.87 -16.39
C ASP A 32 -14.53 0.42 -17.41
N GLY A 33 -15.29 1.35 -17.96
CA GLY A 33 -16.25 1.05 -19.01
C GLY A 33 -17.69 0.94 -18.58
N LYS A 34 -17.97 0.98 -17.27
CA LYS A 34 -19.28 0.59 -16.76
C LYS A 34 -19.85 1.60 -15.82
N GLY A 35 -19.25 2.78 -15.69
CA GLY A 35 -19.68 3.77 -14.72
C GLY A 35 -18.54 4.35 -13.91
N 4FW A 36 -18.73 5.54 -13.36
CA 4FW A 36 -17.70 6.21 -12.54
CB 4FW A 36 -17.89 7.75 -12.66
CG 4FW A 36 -17.41 8.22 -14.02
CD2 4FW A 36 -16.02 8.49 -14.40
CE2 4FW A 36 -16.01 8.87 -15.77
CE3 4FW A 36 -14.76 8.42 -13.70
CD1 4FW A 36 -18.13 8.49 -15.16
NE1 4FW A 36 -17.30 8.85 -16.20
CZ2 4FW A 36 -14.83 9.19 -16.42
CZ3 4FW A 36 -13.60 8.73 -14.35
F 4FW A 36 -14.81 8.10 -12.42
CH2 4FW A 36 -13.64 9.11 -15.70
C 4FW A 36 -17.82 5.84 -11.08
O 4FW A 36 -18.94 5.86 -10.51
N TYR A 37 -16.70 5.50 -10.45
CA TYR A 37 -16.71 5.16 -9.03
C TYR A 37 -15.49 5.75 -8.33
N THR A 38 -15.64 6.04 -7.05
CA THR A 38 -14.54 6.54 -6.25
C THR A 38 -13.56 5.42 -5.92
N GLY A 39 -12.28 5.64 -6.22
CA GLY A 39 -11.26 4.68 -6.00
C GLY A 39 -10.70 4.70 -4.59
N ALA A 40 -9.77 3.79 -4.35
CA ALA A 40 -9.16 3.65 -3.03
C ALA A 40 -8.19 4.78 -2.69
N PHE A 41 -7.66 5.48 -3.69
CA PHE A 41 -6.59 6.46 -3.40
C PHE A 41 -7.13 7.63 -2.60
N ASN A 42 -6.49 7.92 -1.46
CA ASN A 42 -6.90 9.06 -0.66
C ASN A 42 -5.71 9.50 0.16
N GLU A 43 -5.07 10.57 -0.26
CA GLU A 43 -3.85 11.05 0.39
C GLU A 43 -3.80 12.57 0.35
N PRO A 44 -3.07 13.19 1.29
CA PRO A 44 -3.01 14.64 1.28
C PRO A 44 -2.30 15.23 0.07
N GLY A 45 -2.77 16.40 -0.37
CA GLY A 45 -2.08 17.17 -1.38
C GLY A 45 -2.89 18.35 -1.85
N ASP A 46 -2.16 19.40 -2.23
CA ASP A 46 -2.74 20.57 -2.87
C ASP A 46 -2.56 20.58 -4.38
N ASN A 47 -1.64 19.76 -4.88
CA ASN A 47 -1.34 19.63 -6.29
C ASN A 47 -1.10 18.15 -6.57
N VAL A 48 -1.51 17.73 -7.78
CA VAL A 48 -1.35 16.36 -8.21
C VAL A 48 -0.96 16.24 -9.68
N SER A 49 -0.06 15.30 -9.96
CA SER A 49 0.15 14.85 -11.36
C SER A 49 0.20 13.34 -11.34
N VAL A 50 0.10 12.72 -12.53
CA VAL A 50 0.01 11.26 -12.64
C VAL A 50 0.63 10.82 -13.94
N THR A 51 1.21 9.61 -13.93
CA THR A 51 1.54 8.88 -15.15
C THR A 51 1.28 7.40 -14.90
N SER A 52 1.19 6.64 -15.98
CA SER A 52 0.96 5.18 -15.85
C SER A 52 1.51 4.48 -17.06
N 4FW A 53 1.74 3.18 -16.91
CA 4FW A 53 2.28 2.34 -18.00
CB 4FW A 53 3.82 2.44 -18.11
CG 4FW A 53 4.54 1.76 -16.95
CD2 4FW A 53 4.79 2.34 -15.67
CE2 4FW A 53 5.46 1.31 -14.87
CE3 4FW A 53 4.56 3.64 -15.06
CD1 4FW A 53 5.04 0.47 -16.90
NE1 4FW A 53 5.57 0.24 -15.68
CZ2 4FW A 53 5.83 1.59 -13.55
CZ3 4FW A 53 4.99 3.85 -13.77
F 4FW A 53 4.05 4.62 -15.77
CH2 4FW A 53 5.57 2.84 -13.04
C 4FW A 53 1.82 0.91 -17.80
O 4FW A 53 1.56 0.47 -16.66
N LEU A 54 1.76 0.19 -18.91
CA LEU A 54 1.39 -1.23 -18.90
C LEU A 54 2.62 -2.14 -18.96
N VAL A 55 2.55 -3.24 -18.22
CA VAL A 55 3.49 -4.33 -18.39
C VAL A 55 2.59 -5.50 -18.73
N GLY A 56 2.58 -5.88 -20.02
CA GLY A 56 1.56 -6.80 -20.50
C GLY A 56 0.18 -6.17 -20.29
N SER A 57 -0.71 -6.85 -19.60
CA SER A 57 -2.05 -6.37 -19.29
C SER A 57 -2.15 -5.65 -17.93
N ALA A 58 -1.06 -5.62 -17.17
CA ALA A 58 -1.08 -5.07 -15.81
C ALA A 58 -0.74 -3.58 -15.81
N ILE A 59 -1.58 -2.76 -15.17
CA ILE A 59 -1.34 -1.33 -15.09
C ILE A 59 -0.48 -1.03 -13.87
N HIS A 60 0.40 -0.05 -14.04
CA HIS A 60 1.20 0.53 -12.95
C HIS A 60 0.95 2.04 -12.98
N ILE A 61 0.63 2.64 -11.84
CA ILE A 61 0.29 4.09 -11.78
C ILE A 61 1.21 4.75 -10.80
N ARG A 62 1.63 5.96 -11.10
CA ARG A 62 2.42 6.80 -10.16
C ARG A 62 1.73 8.15 -10.03
N VAL A 63 1.35 8.48 -8.80
CA VAL A 63 0.70 9.75 -8.49
C VAL A 63 1.70 10.57 -7.66
N TYR A 64 1.89 11.83 -8.06
CA TYR A 64 2.83 12.74 -7.38
C TYR A 64 1.99 13.81 -6.69
N ALA A 65 1.95 13.73 -5.35
CA ALA A 65 1.15 14.59 -4.50
C ALA A 65 2.03 15.63 -3.80
N SER A 66 1.68 16.92 -3.95
CA SER A 66 2.50 17.98 -3.36
C SER A 66 1.73 18.84 -2.39
N THR A 67 2.41 19.13 -1.28
CA THR A 67 1.94 20.11 -0.30
C THR A 67 3.15 20.94 0.07
N GLY A 68 3.02 22.27 0.08
CA GLY A 68 4.20 23.12 0.29
C GLY A 68 5.28 22.76 -0.72
N THR A 69 6.48 22.45 -0.23
CA THR A 69 7.59 22.03 -1.11
C THR A 69 7.85 20.53 -1.08
N THR A 70 6.93 19.77 -0.50
CA THR A 70 7.13 18.33 -0.38
C THR A 70 6.24 17.58 -1.38
N THR A 71 6.91 16.77 -2.20
CA THR A 71 6.24 15.92 -3.19
C THR A 71 6.45 14.46 -2.85
N THR A 72 5.35 13.74 -2.67
CA THR A 72 5.35 12.33 -2.33
C THR A 72 4.83 11.52 -3.53
N GLU A 73 5.53 10.46 -3.89
CA GLU A 73 5.10 9.53 -4.92
C GLU A 73 4.34 8.36 -4.34
N 4FW A 74 3.18 8.11 -4.92
CA 4FW A 74 2.30 6.99 -4.54
CB 4FW A 74 0.94 7.54 -4.16
CG 4FW A 74 0.98 8.39 -2.90
CD2 4FW A 74 1.03 7.91 -1.53
CE2 4FW A 74 1.08 9.11 -0.70
CE3 4FW A 74 1.01 6.60 -0.93
CD1 4FW A 74 1.01 9.76 -2.80
NE1 4FW A 74 1.06 10.19 -1.49
CZ2 4FW A 74 1.10 8.99 0.67
CZ3 4FW A 74 1.06 6.55 0.46
F 4FW A 74 0.95 5.53 -1.72
CH2 4FW A 74 1.11 7.71 1.23
C 4FW A 74 2.22 6.02 -5.69
O 4FW A 74 2.01 6.42 -6.86
N CYS A 75 2.41 4.74 -5.41
CA CYS A 75 2.52 3.70 -6.40
C CYS A 75 1.38 2.69 -6.38
N 4FW A 76 0.74 2.45 -7.51
CA 4FW A 76 -0.12 1.28 -7.67
CB 4FW A 76 -1.47 1.66 -8.31
CG 4FW A 76 -2.26 0.42 -8.75
CD2 4FW A 76 -3.27 -0.27 -7.99
CE2 4FW A 76 -3.75 -1.39 -8.75
CE3 4FW A 76 -3.82 -0.05 -6.68
CD1 4FW A 76 -2.16 -0.30 -9.98
NE1 4FW A 76 -3.06 -1.33 -9.94
CZ2 4FW A 76 -4.74 -2.23 -8.23
CZ3 4FW A 76 -4.82 -0.88 -6.20
F 4FW A 76 -3.36 1.01 -5.99
CH2 4FW A 76 -5.27 -1.98 -6.96
C 4FW A 76 0.59 0.30 -8.56
O 4FW A 76 1.04 0.64 -9.66
N ASP A 77 0.72 -0.95 -8.09
CA ASP A 77 1.33 -2.05 -8.81
C ASP A 77 0.53 -3.33 -8.66
N GLY A 78 -0.77 -3.20 -8.44
CA GLY A 78 -1.66 -4.36 -8.30
C GLY A 78 -2.10 -4.67 -6.89
N ASN A 79 -1.51 -4.04 -5.88
CA ASN A 79 -1.67 -4.46 -4.47
C ASN A 79 -1.86 -3.25 -3.55
N GLY A 80 -2.69 -2.31 -3.96
CA GLY A 80 -2.97 -1.13 -3.17
C GLY A 80 -1.90 -0.08 -3.37
N 4FW A 81 -2.06 1.04 -2.69
CA 4FW A 81 -1.21 2.19 -2.87
CB 4FW A 81 -2.03 3.45 -2.73
CG 4FW A 81 -3.00 3.57 -3.87
CD2 4FW A 81 -2.72 4.15 -5.16
CE2 4FW A 81 -3.95 4.06 -5.94
CE3 4FW A 81 -1.57 4.75 -5.79
CD1 4FW A 81 -4.33 3.22 -3.92
NE1 4FW A 81 -4.86 3.52 -5.13
CZ2 4FW A 81 -4.02 4.59 -7.22
CZ3 4FW A 81 -1.65 5.22 -7.06
F 4FW A 81 -0.42 4.78 -5.07
CH2 4FW A 81 -2.87 5.17 -7.78
C 4FW A 81 -0.05 2.13 -1.87
O 4FW A 81 -0.28 2.04 -0.65
N THR A 82 1.18 2.17 -2.38
CA THR A 82 2.38 2.14 -1.56
C THR A 82 3.30 3.35 -1.87
N LYS A 83 4.08 3.79 -0.90
N LYS A 83 4.08 3.79 -0.90
CA LYS A 83 4.96 4.93 -1.11
CA LYS A 83 4.97 4.93 -1.11
C LYS A 83 6.12 4.58 -2.02
C LYS A 83 6.13 4.58 -2.03
N GLY A 84 6.46 5.53 -2.91
CA GLY A 84 7.58 5.37 -3.81
C GLY A 84 8.86 6.02 -3.30
N ALA A 85 9.96 5.74 -4.01
CA ALA A 85 11.31 6.26 -3.67
C ALA A 85 11.54 7.69 -4.12
N TYR A 86 10.63 8.27 -4.89
CA TYR A 86 10.84 9.62 -5.40
C TYR A 86 11.14 10.60 -4.30
N THR A 87 12.12 11.49 -4.54
CA THR A 87 12.27 12.73 -3.78
C THR A 87 12.56 13.82 -4.81
N ALA A 88 12.37 15.07 -4.39
CA ALA A 88 12.50 16.20 -5.34
C ALA A 88 13.92 16.63 -5.65
N THR A 89 14.88 16.30 -4.75
CA THR A 89 16.25 16.71 -4.90
C THR A 89 17.17 15.67 -4.29
N ASN A 90 18.42 15.67 -4.75
CA ASN A 90 19.50 14.85 -4.17
C ASN A 90 19.22 13.36 -4.28
N SER B 2 18.06 -20.29 11.53
CA SER B 2 16.68 -20.68 11.07
C SER B 2 15.92 -19.42 10.61
N VAL B 3 15.03 -19.59 9.63
CA VAL B 3 14.06 -18.54 9.29
C VAL B 3 13.26 -18.26 10.55
N GLN B 4 12.68 -17.09 10.58
N GLN B 4 12.68 -17.06 10.56
CA GLN B 4 11.91 -16.65 11.73
CA GLN B 4 11.93 -16.53 11.71
C GLN B 4 10.54 -16.18 11.29
C GLN B 4 10.53 -16.18 11.27
N THR B 5 9.52 -16.57 12.03
CA THR B 5 8.13 -16.32 11.62
C THR B 5 7.33 -15.56 12.68
N ALA B 6 6.21 -15.01 12.22
CA ALA B 6 5.21 -14.37 13.11
C ALA B 6 3.87 -14.67 12.48
N ALA B 7 2.87 -14.93 13.31
CA ALA B 7 1.53 -15.31 12.83
C ALA B 7 0.45 -14.53 13.52
N THR B 8 -0.60 -14.21 12.76
CA THR B 8 -1.83 -13.62 13.33
C THR B 8 -3.01 -14.24 12.63
N SER B 9 -4.19 -14.08 13.25
CA SER B 9 -5.42 -14.64 12.69
C SER B 9 -6.60 -13.81 13.14
N 4FW B 10 -7.72 -13.91 12.43
CA 4FW B 10 -8.92 -13.15 12.79
CB 4FW B 10 -8.83 -11.71 12.33
CG 4FW B 10 -8.86 -11.51 10.83
CD2 4FW B 10 -7.73 -11.45 9.92
CE2 4FW B 10 -8.24 -11.23 8.56
CE3 4FW B 10 -6.30 -11.53 10.07
CD1 4FW B 10 -9.97 -11.36 9.98
NE1 4FW B 10 -9.56 -11.17 8.70
CZ2 4FW B 10 -7.35 -11.10 7.49
CZ3 4FW B 10 -5.46 -11.38 8.98
F 4FW B 10 -5.79 -11.71 11.30
CH2 4FW B 10 -6.00 -11.19 7.70
C 4FW B 10 -10.16 -13.77 12.23
O 4FW B 10 -10.15 -14.49 11.21
N GLY B 11 -11.27 -13.47 12.92
CA GLY B 11 -12.61 -13.85 12.46
C GLY B 11 -12.90 -15.31 12.61
N THR B 12 -14.01 -15.69 11.97
CA THR B 12 -14.65 -16.99 12.09
C THR B 12 -14.15 -18.07 11.12
N VAL B 13 -13.51 -17.62 10.06
CA VAL B 13 -13.11 -18.57 9.01
C VAL B 13 -12.07 -19.62 9.50
N PRO B 14 -10.97 -19.20 10.15
CA PRO B 14 -10.43 -17.84 10.26
C PRO B 14 -9.56 -17.49 9.05
N SER B 15 -9.19 -16.22 8.93
CA SER B 15 -8.05 -15.86 8.08
C SER B 15 -6.80 -15.93 8.93
N ILE B 16 -5.71 -16.40 8.33
CA ILE B 16 -4.39 -16.46 8.97
C ILE B 16 -3.40 -15.78 8.06
N ARG B 17 -2.44 -15.07 8.67
CA ARG B 17 -1.27 -14.54 7.95
C ARG B 17 -0.02 -14.97 8.67
N VAL B 18 0.93 -15.51 7.93
CA VAL B 18 2.25 -15.91 8.46
C VAL B 18 3.31 -15.14 7.74
N TYR B 19 4.14 -14.42 8.46
CA TYR B 19 5.25 -13.61 7.92
C TYR B 19 6.53 -14.32 8.22
N THR B 20 7.41 -14.47 7.21
CA THR B 20 8.66 -15.22 7.35
C THR B 20 9.83 -14.35 6.93
N ALA B 21 10.82 -14.21 7.83
CA ALA B 21 12.10 -13.57 7.49
C ALA B 21 13.09 -14.64 7.06
N ASN B 22 13.60 -14.52 5.84
CA ASN B 22 14.53 -15.51 5.23
C ASN B 22 15.49 -14.72 4.34
N ASN B 23 16.80 -14.88 4.54
CA ASN B 23 17.79 -14.22 3.67
C ASN B 23 17.60 -12.71 3.65
N GLY B 24 17.17 -12.15 4.78
CA GLY B 24 17.06 -10.69 4.91
C GLY B 24 15.79 -10.08 4.35
N LYS B 25 14.84 -10.90 3.90
CA LYS B 25 13.56 -10.42 3.36
C LYS B 25 12.42 -11.09 4.09
N ILE B 26 11.37 -10.32 4.35
CA ILE B 26 10.14 -10.86 4.91
C ILE B 26 9.09 -10.99 3.82
N THR B 27 8.49 -12.18 3.73
CA THR B 27 7.40 -12.43 2.83
C THR B 27 6.19 -12.92 3.63
N GLU B 28 5.07 -13.05 2.95
CA GLU B 28 3.76 -13.24 3.60
C GLU B 28 3.02 -14.42 2.96
N ARG B 29 2.46 -15.30 3.77
CA ARG B 29 1.61 -16.38 3.32
C ARG B 29 0.27 -16.21 3.97
N CYS B 30 -0.79 -16.42 3.18
CA CYS B 30 -2.15 -16.09 3.52
C CYS B 30 -3.08 -17.28 3.40
N 4FW B 31 -3.92 -17.46 4.39
CA 4FW B 31 -5.07 -18.39 4.37
CB 4FW B 31 -4.92 -19.39 5.50
CG 4FW B 31 -6.10 -20.29 5.81
CD2 4FW B 31 -6.38 -21.59 5.25
CE2 4FW B 31 -7.57 -22.07 5.90
CE3 4FW B 31 -5.73 -22.44 4.28
CD1 4FW B 31 -7.10 -20.02 6.71
NE1 4FW B 31 -7.97 -21.09 6.74
CZ2 4FW B 31 -8.07 -23.32 5.56
CZ3 4FW B 31 -6.26 -23.70 4.01
F 4FW B 31 -4.66 -21.96 3.69
CH2 4FW B 31 -7.43 -24.12 4.63
C 4FW B 31 -6.34 -17.60 4.61
O 4FW B 31 -6.45 -16.87 5.60
N ASP B 32 -7.28 -17.75 3.68
CA ASP B 32 -8.63 -17.17 3.84
C ASP B 32 -9.67 -18.30 3.75
N GLY B 33 -9.29 -19.50 4.13
CA GLY B 33 -10.23 -20.62 4.17
C GLY B 33 -10.16 -21.59 3.00
N LYS B 34 -9.35 -21.28 1.98
N LYS B 34 -9.37 -21.28 1.97
CA LYS B 34 -9.42 -21.97 0.66
CA LYS B 34 -9.43 -21.99 0.67
C LYS B 34 -8.09 -22.50 0.19
C LYS B 34 -8.09 -22.52 0.19
N GLY B 35 -7.03 -22.33 0.98
CA GLY B 35 -5.69 -22.66 0.55
C GLY B 35 -4.71 -21.57 0.83
N 4FW B 36 -3.44 -21.92 0.80
CA 4FW B 36 -2.33 -20.99 1.13
CB 4FW B 36 -1.17 -21.78 1.78
CG 4FW B 36 -1.57 -22.21 3.19
CD2 4FW B 36 -1.50 -21.36 4.38
CE2 4FW B 36 -2.01 -22.17 5.48
CE3 4FW B 36 -1.07 -20.03 4.65
CD1 4FW B 36 -2.08 -23.39 3.62
NE1 4FW B 36 -2.33 -23.36 4.95
CZ2 4FW B 36 -2.06 -21.65 6.78
CZ3 4FW B 36 -1.16 -19.53 5.93
F 4FW B 36 -0.60 -19.31 3.62
CH2 4FW B 36 -1.62 -20.33 6.98
C 4FW B 36 -1.80 -20.32 -0.12
O 4FW B 36 -1.51 -20.98 -1.14
N TYR B 37 -1.65 -18.99 -0.07
CA TYR B 37 -1.13 -18.23 -1.21
C TYR B 37 -0.17 -17.13 -0.74
N THR B 38 0.74 -16.74 -1.60
CA THR B 38 1.72 -15.70 -1.26
C THR B 38 1.08 -14.32 -1.38
N GLY B 39 1.14 -13.57 -0.30
CA GLY B 39 0.62 -12.23 -0.26
C GLY B 39 1.53 -11.17 -0.84
N ALA B 40 1.04 -9.94 -0.79
CA ALA B 40 1.70 -8.79 -1.37
C ALA B 40 2.85 -8.24 -0.53
N PHE B 41 2.91 -8.55 0.77
CA PHE B 41 3.92 -7.92 1.60
C PHE B 41 5.32 -8.47 1.27
N ASN B 42 6.28 -7.58 1.01
CA ASN B 42 7.67 -7.97 0.76
C ASN B 42 8.55 -6.79 1.15
N GLU B 43 9.15 -6.86 2.32
CA GLU B 43 10.02 -5.80 2.80
C GLU B 43 11.20 -6.37 3.54
N PRO B 44 12.29 -5.60 3.68
CA PRO B 44 13.45 -6.18 4.35
C PRO B 44 13.22 -6.49 5.82
N GLY B 45 13.86 -7.57 6.27
CA GLY B 45 13.94 -7.85 7.68
C GLY B 45 14.53 -9.22 7.97
N ASP B 46 15.14 -9.32 9.15
CA ASP B 46 15.69 -10.57 9.66
C ASP B 46 14.89 -11.15 10.83
N ASN B 47 14.09 -10.32 11.49
CA ASN B 47 13.21 -10.68 12.62
C ASN B 47 11.87 -10.02 12.33
N VAL B 48 10.80 -10.68 12.79
CA VAL B 48 9.45 -10.17 12.57
C VAL B 48 8.54 -10.48 13.78
N SER B 49 7.67 -9.53 14.09
CA SER B 49 6.52 -9.77 14.96
C SER B 49 5.31 -9.14 14.31
N VAL B 50 4.12 -9.50 14.79
CA VAL B 50 2.88 -9.01 14.16
C VAL B 50 1.79 -8.95 15.21
N THR B 51 0.88 -7.99 15.02
CA THR B 51 -0.41 -7.98 15.71
C THR B 51 -1.46 -7.49 14.75
N SER B 52 -2.72 -7.74 15.09
CA SER B 52 -3.84 -7.27 14.24
C SER B 52 -5.10 -7.12 15.06
N 4FW B 53 -6.06 -6.34 14.53
CA 4FW B 53 -7.32 -6.10 15.22
CB 4FW B 53 -7.20 -4.95 16.26
CG 4FW B 53 -7.06 -3.59 15.61
CD2 4FW B 53 -5.82 -2.95 15.21
CE2 4FW B 53 -6.20 -1.66 14.66
CE3 4FW B 53 -4.40 -3.34 15.25
CD1 4FW B 53 -8.08 -2.67 15.32
NE1 4FW B 53 -7.52 -1.56 14.74
CZ2 4FW B 53 -5.18 -0.84 14.15
CZ3 4FW B 53 -3.47 -2.46 14.75
F 4FW B 53 -4.07 -4.51 15.78
CH2 4FW B 53 -3.88 -1.28 14.23
C 4FW B 53 -8.37 -5.80 14.18
O 4FW B 53 -8.10 -5.34 13.07
N LEU B 54 -9.62 -6.07 14.56
CA LEU B 54 -10.80 -5.80 13.74
C LEU B 54 -11.52 -4.55 14.16
N VAL B 55 -12.01 -3.84 13.15
CA VAL B 55 -13.01 -2.76 13.30
C VAL B 55 -14.18 -3.22 12.44
N GLY B 56 -15.19 -3.76 13.12
CA GLY B 56 -16.29 -4.45 12.45
C GLY B 56 -15.70 -5.60 11.70
N SER B 57 -15.83 -5.59 10.37
CA SER B 57 -15.32 -6.66 9.52
C SER B 57 -13.95 -6.34 8.84
N ALA B 58 -13.44 -5.13 9.09
CA ALA B 58 -12.21 -4.67 8.49
C ALA B 58 -11.00 -4.97 9.38
N ILE B 59 -10.04 -5.69 8.80
CA ILE B 59 -8.84 -6.05 9.51
C ILE B 59 -7.80 -4.94 9.38
N HIS B 60 -6.99 -4.77 10.45
CA HIS B 60 -5.84 -3.90 10.47
C HIS B 60 -4.67 -4.74 10.97
N ILE B 61 -3.54 -4.66 10.25
CA ILE B 61 -2.38 -5.50 10.58
C ILE B 61 -1.17 -4.59 10.78
N ARG B 62 -0.35 -4.89 11.78
CA ARG B 62 0.93 -4.18 12.00
C ARG B 62 2.02 -5.23 12.06
N VAL B 63 2.98 -5.13 11.14
CA VAL B 63 4.15 -6.02 11.10
C VAL B 63 5.36 -5.19 11.55
N TYR B 64 6.12 -5.70 12.52
CA TYR B 64 7.32 -5.02 13.02
C TYR B 64 8.53 -5.78 12.47
N ALA B 65 9.21 -5.18 11.50
CA ALA B 65 10.32 -5.81 10.74
C ALA B 65 11.63 -5.27 11.28
N SER B 66 12.50 -6.14 11.80
CA SER B 66 13.78 -5.70 12.37
C SER B 66 14.94 -6.25 11.57
N THR B 67 15.98 -5.44 11.49
CA THR B 67 17.25 -5.89 10.93
C THR B 67 18.33 -5.13 11.70
N GLY B 68 19.35 -5.83 12.18
CA GLY B 68 20.30 -5.19 13.10
C GLY B 68 19.54 -4.57 14.26
N THR B 69 19.85 -3.33 14.60
CA THR B 69 19.17 -2.62 15.65
C THR B 69 18.01 -1.77 15.16
N THR B 70 17.61 -1.91 13.89
CA THR B 70 16.51 -1.06 13.36
C THR B 70 15.21 -1.84 13.26
N THR B 71 14.10 -1.22 13.64
CA THR B 71 12.76 -1.81 13.51
C THR B 71 11.88 -0.83 12.77
N THR B 72 11.18 -1.31 11.74
CA THR B 72 10.23 -0.54 10.96
C THR B 72 8.85 -1.18 11.12
N GLU B 73 7.83 -0.39 11.38
CA GLU B 73 6.43 -0.85 11.38
C GLU B 73 5.84 -0.71 9.99
N 4FW B 74 5.16 -1.76 9.56
CA 4FW B 74 4.44 -1.79 8.29
CB 4FW B 74 5.00 -2.92 7.42
CG 4FW B 74 6.39 -2.63 6.95
CD2 4FW B 74 6.79 -1.80 5.83
CE2 4FW B 74 8.24 -1.81 5.83
CE3 4FW B 74 6.07 -1.05 4.87
CD1 4FW B 74 7.56 -3.10 7.52
NE1 4FW B 74 8.66 -2.60 6.86
CZ2 4FW B 74 8.92 -1.10 4.85
CZ3 4FW B 74 6.79 -0.35 3.91
F 4FW B 74 4.74 -1.05 4.90
CH2 4FW B 74 8.19 -0.40 3.89
C 4FW B 74 2.96 -1.98 8.59
O 4FW B 74 2.57 -2.86 9.34
N CYS B 75 2.14 -1.13 7.98
CA CYS B 75 0.70 -1.03 8.25
C CYS B 75 -0.17 -1.47 7.08
N 4FW B 76 -1.09 -2.39 7.34
CA 4FW B 76 -2.16 -2.67 6.36
CB 4FW B 76 -2.16 -4.16 5.98
CG 4FW B 76 -2.86 -4.36 4.65
CD2 4FW B 76 -4.23 -4.67 4.43
CE2 4FW B 76 -4.39 -4.75 2.98
CE3 4FW B 76 -5.37 -4.93 5.31
CD1 4FW B 76 -2.29 -4.22 3.36
NE1 4FW B 76 -3.21 -4.46 2.40
CZ2 4FW B 76 -5.65 -5.05 2.44
CZ3 4FW B 76 -6.58 -5.23 4.73
F 4FW B 76 -5.13 -4.88 6.66
CH2 4FW B 76 -6.71 -5.30 3.32
C 4FW B 76 -3.46 -2.26 7.01
O 4FW B 76 -3.75 -2.60 8.17
N ASP B 77 -4.26 -1.49 6.25
CA ASP B 77 -5.55 -0.91 6.74
C ASP B 77 -6.56 -0.95 5.62
N GLY B 78 -6.44 -1.87 4.68
CA GLY B 78 -7.45 -2.01 3.63
C GLY B 78 -7.00 -1.65 2.24
N ASN B 79 -5.81 -1.06 2.08
CA ASN B 79 -5.37 -0.52 0.80
C ASN B 79 -4.01 -1.24 0.52
N GLY B 80 -2.92 -0.57 0.74
CA GLY B 80 -1.59 -1.15 0.57
C GLY B 80 -0.84 -1.16 1.88
N 4FW B 81 0.37 -1.70 1.81
CA 4FW B 81 1.28 -1.72 2.95
CB 4FW B 81 2.19 -2.92 2.82
CG 4FW B 81 1.51 -4.22 3.03
CD2 4FW B 81 1.28 -4.84 4.34
CE2 4FW B 81 0.64 -6.12 4.12
CE3 4FW B 81 1.56 -4.47 5.71
CD1 4FW B 81 1.01 -5.13 2.15
NE1 4FW B 81 0.50 -6.23 2.78
CZ2 4FW B 81 0.33 -6.96 5.18
CZ3 4FW B 81 1.25 -5.34 6.74
F 4FW B 81 2.14 -3.28 5.91
CH2 4FW B 81 0.62 -6.56 6.47
C 4FW B 81 2.13 -0.46 2.96
O 4FW B 81 2.87 -0.17 1.99
N THR B 82 2.06 0.32 4.05
CA THR B 82 2.86 1.54 4.18
C THR B 82 3.51 1.62 5.55
N LYS B 83 4.66 2.26 5.57
N LYS B 83 4.65 2.27 5.58
CA LYS B 83 5.44 2.43 6.80
CA LYS B 83 5.45 2.37 6.78
C LYS B 83 4.66 3.23 7.81
C LYS B 83 4.71 3.24 7.81
N GLY B 84 4.62 2.74 9.04
CA GLY B 84 3.97 3.42 10.15
C GLY B 84 4.92 4.36 10.89
N ALA B 85 4.31 4.99 11.89
CA ALA B 85 4.99 6.00 12.69
C ALA B 85 5.86 5.44 13.80
N TYR B 86 5.81 4.14 14.07
CA TYR B 86 6.64 3.54 15.12
C TYR B 86 8.11 3.90 14.97
N THR B 87 8.75 4.20 16.10
CA THR B 87 10.21 4.18 16.21
C THR B 87 10.54 3.49 17.51
N ALA B 88 11.78 2.99 17.62
CA ALA B 88 12.16 2.21 18.80
C ALA B 88 12.46 3.04 20.03
N THR B 89 12.81 4.32 19.84
N THR B 89 12.85 4.31 19.82
CA THR B 89 13.02 5.21 20.97
CA THR B 89 13.20 5.23 20.91
C THR B 89 12.77 6.65 20.55
C THR B 89 12.77 6.65 20.54
N ASN B 90 12.65 7.51 21.56
CA ASN B 90 12.39 8.95 21.37
C ASN B 90 11.09 9.27 20.68
C1 NAG C . -10.96 -3.44 -9.73
C2 NAG C . -10.03 -2.24 -9.63
C3 NAG C . -9.99 -1.79 -8.17
C4 NAG C . -11.41 -1.52 -7.64
C5 NAG C . -12.25 -2.77 -7.84
C6 NAG C . -13.69 -2.64 -7.31
C7 NAG C . -8.30 -2.38 -11.36
C8 NAG C . -6.98 -2.95 -11.74
N2 NAG C . -8.74 -2.66 -10.14
O1 NAG C . -11.05 -3.90 -11.08
O3 NAG C . -9.13 -0.65 -7.96
O4 NAG C . -11.38 -1.17 -6.25
O5 NAG C . -12.26 -3.05 -9.24
O6 NAG C . -14.33 -1.52 -7.93
O7 NAG C . -8.90 -1.70 -12.14
C1 FUC C . -9.33 0.58 -8.69
C2 FUC C . -9.05 1.72 -7.71
C3 FUC C . -7.54 1.78 -7.33
C4 FUC C . -6.68 1.83 -8.64
C5 FUC C . -6.98 0.57 -9.45
C6 FUC C . -6.26 0.53 -10.77
O2 FUC C . -9.91 1.60 -6.54
O3 FUC C . -7.33 2.86 -6.36
O4 FUC C . -7.08 2.92 -9.45
O5 FUC C . -8.40 0.60 -9.78
C1 GLA D . 11.68 -3.73 -1.11
C2 GLA D . 11.91 -2.54 -2.04
C3 GLA D . 11.48 -2.85 -3.47
C4 GLA D . 12.16 -4.07 -3.99
C5 GLA D . 11.82 -5.21 -3.03
C6 GLA D . 12.45 -6.50 -3.53
O1 GLA D . 10.27 -3.87 -0.96
O2 GLA D . 11.12 -1.43 -1.60
O3 GLA D . 11.80 -1.74 -4.30
O4 GLA D . 13.55 -3.77 -4.12
O5 GLA D . 12.24 -4.90 -1.69
O6 GLA D . 13.87 -6.32 -3.61
C1 NAG D . 11.12 -1.67 -5.56
C2 NAG D . 10.81 -0.22 -5.83
C3 NAG D . 10.17 -0.03 -7.21
C4 NAG D . 10.95 -0.78 -8.30
C5 NAG D . 11.35 -2.20 -7.86
C6 NAG D . 12.27 -2.86 -8.85
C7 NAG D . 10.42 1.24 -3.88
C8 NAG D . 9.53 1.52 -2.73
N2 NAG D . 10.00 0.27 -4.74
O3 NAG D . 10.23 1.40 -7.47
O4 NAG D . 10.28 -0.86 -9.58
O5 NAG D . 12.01 -2.13 -6.58
O6 NAG D . 13.44 -2.10 -9.12
O7 NAG D . 11.43 1.87 -4.09
C1 FUC D . 8.99 2.09 -7.60
C2 FUC D . 9.16 3.49 -7.02
C3 FUC D . 10.12 4.31 -7.92
C4 FUC D . 9.57 4.30 -9.35
C5 FUC D . 9.42 2.88 -9.83
C6 FUC D . 8.84 2.77 -11.24
O2 FUC D . 9.64 3.42 -5.67
O3 FUC D . 10.27 5.62 -7.38
O4 FUC D . 8.26 4.89 -9.40
O5 FUC D . 8.56 2.13 -8.96
C1 GAL D . 8.88 -1.16 -9.67
C2 GAL D . 8.59 -1.67 -11.08
C3 GAL D . 7.12 -2.08 -11.17
C4 GAL D . 6.70 -3.02 -10.06
C5 GAL D . 7.14 -2.43 -8.73
C6 GAL D . 6.90 -3.33 -7.52
O2 GAL D . 8.87 -0.65 -12.03
O3 GAL D . 6.86 -2.67 -12.45
O4 GAL D . 7.33 -4.29 -10.22
O5 GAL D . 8.56 -2.21 -8.77
O6 GAL D . 7.11 -2.57 -6.35
C1 GAL E . -2.05 9.15 5.35
C2 GAL E . -1.38 8.51 6.55
C3 GAL E . -2.18 8.84 7.77
C4 GAL E . -2.36 10.33 7.96
C5 GAL E . -2.99 10.91 6.69
C6 GAL E . -3.16 12.41 6.84
O1 GAL E . -1.12 8.92 4.31
O2 GAL E . -1.37 7.09 6.44
O3 GAL E . -1.46 8.31 8.86
O4 GAL E . -1.10 10.95 8.20
O5 GAL E . -2.22 10.57 5.53
O6 GAL E . -3.92 12.60 8.02
C1 NAG E . -2.34 7.64 9.72
C1 NAG E . -2.63 8.09 10.42
C2 NAG E . -1.43 6.69 10.45
C2 NAG E . -1.62 7.11 11.01
C3 NAG E . -2.18 5.93 11.53
C3 NAG E . -2.27 5.93 11.69
C4 NAG E . -3.06 6.89 12.34
C4 NAG E . -3.39 6.42 12.62
C5 NAG E . -3.89 7.79 11.46
C5 NAG E . -4.28 7.46 11.97
C6 NAG E . -4.73 8.78 12.27
C6 NAG E . -5.25 8.03 13.00
C7 NAG E . 0.38 5.89 9.00
C7 NAG E . 0.67 7.04 10.08
C8 NAG E . 0.77 4.85 7.97
C8 NAG E . 1.50 6.66 8.87
N2 NAG E . -0.83 5.77 9.50
N2 NAG E . -0.64 6.75 9.99
O1 NAG E . -1.95 9.22 9.86
O3 NAG E . -1.22 5.37 12.42
O3 NAG E . -1.24 5.38 12.53
O4 NAG E . -3.92 6.29 13.32
O4 NAG E . -4.24 5.37 13.16
O5 NAG E . -3.01 8.51 10.61
O5 NAG E . -3.49 8.52 11.47
O6 NAG E . -3.89 9.80 12.79
O6 NAG E . -4.49 8.56 14.08
O7 NAG E . 1.13 6.80 9.36
O7 NAG E . 1.18 7.58 11.04
C1 FUC E . -0.83 4.02 12.15
C1 FUC E . -0.85 4.06 12.16
C2 FUC E . 0.65 3.89 12.50
C2 FUC E . 0.63 3.88 12.49
C3 FUC E . 0.87 3.96 14.02
C3 FUC E . 0.85 4.00 13.99
C4 FUC E . 0.02 2.93 14.71
C4 FUC E . -0.01 2.94 14.66
C5 FUC E . -1.44 3.21 14.34
C5 FUC E . -1.47 3.21 14.30
C6 FUC E . -2.39 2.20 14.96
C6 FUC E . -2.39 2.19 14.95
O2 FUC E . 1.41 4.88 11.81
O2 FUC E . 1.42 4.84 11.78
O3 FUC E . 2.28 3.83 14.29
O3 FUC E . 2.25 3.89 14.31
O4 FUC E . 0.32 1.61 14.25
O4 FUC E . 0.30 1.63 14.16
O5 FUC E . -1.62 3.11 12.91
O5 FUC E . -1.64 3.11 12.89
C1 GAL E . -4.56 5.08 12.96
C1 GAL E . -4.71 4.46 12.19
C2 GAL E . -5.52 4.71 14.10
C2 GAL E . -5.93 3.73 12.75
C3 GAL E . -6.20 3.37 13.77
C3 GAL E . -6.46 2.67 11.79
C4 GAL E . -6.80 3.39 12.35
C4 GAL E . -6.67 3.27 10.41
C5 GAL E . -5.75 3.84 11.33
C5 GAL E . -5.42 4.03 10.01
C6 GAL E . -6.28 3.93 9.90
C6 GAL E . -5.58 4.63 8.61
O2 GAL E . -4.83 4.62 15.39
O2 GAL E . -5.57 3.09 13.98
O3 GAL E . -7.21 3.11 14.76
O3 GAL E . -7.69 2.13 12.25
O4 GAL E . -7.92 4.28 12.26
O4 GAL E . -7.80 4.16 10.41
O5 GAL E . -5.23 5.13 11.68
O5 GAL E . -5.07 5.05 10.95
O6 GAL E . -5.27 4.25 8.93
O6 GAL E . -4.29 4.91 8.06
CA CA F . 7.39 9.60 17.30
C1 EDO G . -4.50 -8.47 3.11
O1 EDO G . -5.35 -9.20 3.99
C2 EDO G . -3.10 -8.48 3.68
O2 EDO G . -2.62 -9.80 3.86
#